data_5NVA
#
_entry.id   5NVA
#
_cell.length_a   48.788
_cell.length_b   97.764
_cell.length_c   151.690
_cell.angle_alpha   90.00
_cell.angle_beta   90.00
_cell.angle_gamma   90.00
#
_symmetry.space_group_name_H-M   'P 2 21 21'
#
loop_
_entity.id
_entity.type
_entity.pdbx_description
1 polymer 'Putative sodium:solute symporter'
2 non-polymer 'SODIUM ION'
3 non-polymer 'N-acetyl-beta-neuraminic acid'
4 water water
#
_entity_poly.entity_id   1
_entity_poly.type   'polypeptide(L)'
_entity_poly.pdbx_seq_one_letter_code
;MQLHDFGFINYAVLFGYLAAMLLVGVYFSKRQKTADDYFRGGGRVPGWAAGVSVFATTLSSITFMSIPAKAYTSDWTFII
GQYLAIAILPLVFYFYIPFFRKLKITSAYEYLEARFDVRSRLFASLSFMLFHIGRVAIITYLTVLALRPFMGIDPVVLIV
LISLLCIIYTWMGGIEGVIWTDVIQGLLLSGGAVLIFIMICFKVDGGISEIFTTTAQADKFFPTTQWRWSWTDSTIPVLM
IGFLFANIQQFTASQDVVQRYIVTDSIKETKRTLITNAKLVAIIPIFFFAIGSALFVYYQQNPSLLPAGFNTGGILPLFI
VTEMPIGIAGLIIAAIFAAAQSSISSSLNSISSCFNSDIYTRLSKSSPSPEQKMKVAKLVIIVAGIFSSLAAIWLVLSDE
AEIWDAFNSLIGLMGGPMTGLFMLGIFVKRANAGSAVVGIIVSIIAVLAARYGSDLNFFFYGVIGSMSVVIAGTITAPLF
APAKQLSLDDSETSEN
;
_entity_poly.pdbx_strand_id   A
#
# COMPACT_ATOMS: atom_id res chain seq x y z
N ASP A 5 -31.66 7.78 2.12
CA ASP A 5 -31.19 6.54 1.52
C ASP A 5 -30.12 5.89 2.40
N PHE A 6 -29.02 6.61 2.64
CA PHE A 6 -27.95 6.10 3.49
C PHE A 6 -28.30 6.25 4.97
N GLY A 7 -29.03 7.29 5.34
CA GLY A 7 -29.44 7.51 6.70
C GLY A 7 -28.67 8.64 7.36
N PHE A 8 -29.26 9.17 8.43
CA PHE A 8 -28.63 10.25 9.18
C PHE A 8 -27.64 9.73 10.21
N ILE A 9 -28.04 8.71 10.99
CA ILE A 9 -27.14 8.16 12.00
C ILE A 9 -25.91 7.56 11.33
N ASN A 10 -26.09 6.96 10.16
CA ASN A 10 -24.95 6.43 9.42
C ASN A 10 -24.00 7.54 9.01
N TYR A 11 -24.54 8.65 8.48
CA TYR A 11 -23.70 9.78 8.11
C TYR A 11 -23.09 10.44 9.34
N ALA A 12 -23.82 10.46 10.46
CA ALA A 12 -23.29 11.06 11.68
C ALA A 12 -22.07 10.30 12.18
N VAL A 13 -22.11 8.97 12.08
CA VAL A 13 -20.95 8.17 12.48
C VAL A 13 -19.79 8.44 11.53
N LEU A 14 -20.06 8.45 10.22
CA LEU A 14 -18.99 8.65 9.24
C LEU A 14 -18.33 10.01 9.41
N PHE A 15 -19.11 11.05 9.65
CA PHE A 15 -18.55 12.39 9.83
C PHE A 15 -17.99 12.60 11.23
N GLY A 16 -18.43 11.81 12.20
CA GLY A 16 -17.70 11.75 13.47
C GLY A 16 -16.29 11.21 13.27
N TYR A 17 -16.15 10.20 12.41
CA TYR A 17 -14.83 9.67 12.08
C TYR A 17 -14.01 10.71 11.33
N LEU A 18 -14.62 11.38 10.33
CA LEU A 18 -13.88 12.36 9.55
C LEU A 18 -13.45 13.54 10.41
N ALA A 19 -14.28 13.93 11.39
CA ALA A 19 -13.91 15.02 12.29
C ALA A 19 -12.74 14.63 13.18
N ALA A 20 -12.70 13.37 13.61
CA ALA A 20 -11.61 12.91 14.46
C ALA A 20 -10.28 12.95 13.71
N MET A 21 -10.29 12.55 12.43
CA MET A 21 -9.06 12.58 11.64
C MET A 21 -8.54 14.01 11.47
N LEU A 22 -9.46 14.96 11.24
CA LEU A 22 -9.05 16.36 11.14
C LEU A 22 -8.52 16.87 12.47
N LEU A 23 -9.11 16.42 13.59
CA LEU A 23 -8.67 16.87 14.90
C LEU A 23 -7.26 16.37 15.21
N VAL A 24 -7.00 15.09 14.91
CA VAL A 24 -5.65 14.56 15.08
C VAL A 24 -4.66 15.36 14.24
N GLY A 25 -5.08 15.80 13.05
CA GLY A 25 -4.19 16.57 12.19
C GLY A 25 -3.85 17.93 12.77
N VAL A 26 -4.87 18.64 13.27
CA VAL A 26 -4.62 19.94 13.89
C VAL A 26 -3.73 19.80 15.11
N TYR A 27 -3.95 18.75 15.90
CA TYR A 27 -3.16 18.55 17.11
C TYR A 27 -1.68 18.40 16.79
N PHE A 28 -1.34 17.58 15.79
CA PHE A 28 0.05 17.34 15.48
C PHE A 28 0.65 18.43 14.59
N SER A 29 -0.15 19.39 14.12
CA SER A 29 0.39 20.53 13.41
C SER A 29 1.23 21.43 14.32
N LYS A 30 1.00 21.36 15.64
CA LYS A 30 1.72 22.25 16.55
C LYS A 30 3.21 21.95 16.58
N ARG A 31 3.61 20.71 16.33
CA ARG A 31 5.01 20.31 16.39
C ARG A 31 5.68 20.27 15.03
N GLN A 32 5.02 20.78 13.98
CA GLN A 32 5.58 20.77 12.64
C GLN A 32 6.41 22.02 12.45
N LYS A 33 7.70 21.93 12.80
CA LYS A 33 8.60 23.07 12.73
C LYS A 33 9.70 22.91 11.68
N THR A 34 10.18 21.69 11.44
CA THR A 34 11.20 21.44 10.43
C THR A 34 10.77 20.28 9.54
N ALA A 35 11.56 20.04 8.49
CA ALA A 35 11.32 18.88 7.65
C ALA A 35 11.56 17.58 8.41
N ASP A 36 12.44 17.61 9.42
CA ASP A 36 12.65 16.44 10.24
C ASP A 36 11.41 16.08 11.05
N ASP A 37 10.64 17.09 11.49
CA ASP A 37 9.35 16.83 12.09
C ASP A 37 8.36 16.30 11.05
N TYR A 38 8.28 16.97 9.91
CA TYR A 38 7.24 16.69 8.93
C TYR A 38 7.41 15.29 8.33
N PHE A 39 8.66 14.85 8.14
CA PHE A 39 8.94 13.60 7.44
C PHE A 39 9.49 12.51 8.33
N ARG A 40 10.28 12.84 9.34
CA ARG A 40 10.89 11.85 10.22
C ARG A 40 10.28 11.81 11.60
N GLY A 41 9.42 12.76 11.96
CA GLY A 41 8.69 12.72 13.20
C GLY A 41 9.49 12.98 14.45
N GLY A 42 10.74 13.42 14.31
CA GLY A 42 11.57 13.68 15.49
C GLY A 42 11.84 12.47 16.35
N GLY A 43 11.69 11.26 15.80
CA GLY A 43 11.91 10.05 16.57
C GLY A 43 10.92 9.82 17.68
N ARG A 44 9.78 10.52 17.65
CA ARG A 44 8.80 10.48 18.73
C ARG A 44 7.74 9.40 18.54
N VAL A 45 7.87 8.56 17.51
CA VAL A 45 6.86 7.56 17.20
C VAL A 45 7.27 6.25 17.88
N PRO A 46 6.41 5.67 18.73
CA PRO A 46 6.71 4.34 19.27
C PRO A 46 6.56 3.27 18.21
N GLY A 47 7.24 2.15 18.45
CA GLY A 47 7.32 1.10 17.44
C GLY A 47 5.97 0.51 17.08
N TRP A 48 5.11 0.30 18.09
CA TRP A 48 3.82 -0.33 17.83
C TRP A 48 2.94 0.56 16.97
N ALA A 49 3.01 1.88 17.18
CA ALA A 49 2.21 2.80 16.35
C ALA A 49 2.72 2.82 14.91
N ALA A 50 4.04 2.79 14.73
CA ALA A 50 4.59 2.67 13.39
C ALA A 50 4.20 1.35 12.74
N GLY A 51 4.07 0.29 13.53
CA GLY A 51 3.72 -1.00 12.97
C GLY A 51 2.29 -1.04 12.47
N VAL A 52 1.34 -0.54 13.28
CA VAL A 52 -0.04 -0.40 12.82
C VAL A 52 -0.08 0.51 11.60
N SER A 53 0.78 1.54 11.58
CA SER A 53 0.80 2.48 10.46
C SER A 53 1.30 1.81 9.18
N VAL A 54 2.31 0.94 9.28
CA VAL A 54 2.75 0.16 8.13
C VAL A 54 1.59 -0.67 7.58
N PHE A 55 0.87 -1.35 8.48
CA PHE A 55 -0.24 -2.20 8.07
C PHE A 55 -1.33 -1.38 7.39
N ALA A 56 -1.73 -0.26 8.01
CA ALA A 56 -2.77 0.57 7.41
C ALA A 56 -2.30 1.24 6.13
N THR A 57 -1.00 1.52 6.02
CA THR A 57 -0.48 2.11 4.79
C THR A 57 -0.65 1.15 3.61
N THR A 58 -0.28 -0.11 3.80
CA THR A 58 -0.30 -1.06 2.70
C THR A 58 -1.70 -1.53 2.38
N LEU A 59 -2.55 -1.72 3.40
CA LEU A 59 -3.91 -2.22 3.19
C LEU A 59 -4.83 -1.06 2.88
N SER A 60 -5.25 -0.96 1.62
CA SER A 60 -6.12 0.12 1.15
C SER A 60 -7.51 -0.43 0.84
N SER A 61 -8.31 0.39 0.16
CA SER A 61 -9.59 -0.07 -0.36
C SER A 61 -9.40 -1.17 -1.40
N ILE A 62 -8.20 -1.31 -1.95
CA ILE A 62 -7.90 -2.42 -2.86
C ILE A 62 -8.13 -3.75 -2.16
N THR A 63 -7.42 -3.97 -1.05
CA THR A 63 -7.60 -5.21 -0.29
C THR A 63 -9.02 -5.31 0.27
N PHE A 64 -9.54 -4.20 0.82
CA PHE A 64 -10.83 -4.24 1.50
C PHE A 64 -11.94 -4.72 0.59
N MET A 65 -11.90 -4.34 -0.69
CA MET A 65 -12.95 -4.67 -1.64
C MET A 65 -12.63 -5.88 -2.50
N SER A 66 -11.44 -5.94 -3.07
CA SER A 66 -11.14 -6.93 -4.09
C SER A 66 -10.71 -8.28 -3.51
N ILE A 67 -10.25 -8.33 -2.27
CA ILE A 67 -9.90 -9.62 -1.66
C ILE A 67 -11.18 -10.41 -1.37
N PRO A 68 -12.22 -9.82 -0.76
CA PRO A 68 -13.48 -10.56 -0.65
C PRO A 68 -14.06 -10.93 -1.99
N ALA A 69 -14.00 -10.03 -2.98
CA ALA A 69 -14.44 -10.37 -4.33
C ALA A 69 -13.62 -11.53 -4.89
N LYS A 70 -12.31 -11.55 -4.59
CA LYS A 70 -11.46 -12.64 -5.07
C LYS A 70 -11.87 -13.97 -4.44
N ALA A 71 -12.05 -13.99 -3.12
CA ALA A 71 -12.49 -15.22 -2.46
C ALA A 71 -13.89 -15.61 -2.92
N TYR A 72 -14.75 -14.62 -3.15
CA TYR A 72 -16.11 -14.90 -3.65
C TYR A 72 -16.05 -15.63 -4.98
N THR A 73 -15.31 -15.08 -5.94
CA THR A 73 -15.31 -15.63 -7.29
C THR A 73 -14.42 -16.85 -7.42
N SER A 74 -13.36 -16.95 -6.62
CA SER A 74 -12.41 -18.05 -6.77
C SER A 74 -12.08 -18.74 -5.45
N ASP A 75 -10.91 -18.45 -4.89
CA ASP A 75 -10.41 -19.23 -3.75
C ASP A 75 -9.55 -18.35 -2.85
N TRP A 76 -8.81 -19.00 -1.95
CA TRP A 76 -8.00 -18.33 -0.94
C TRP A 76 -6.52 -18.30 -1.27
N THR A 77 -6.11 -18.80 -2.44
CA THR A 77 -4.68 -19.02 -2.71
C THR A 77 -3.87 -17.73 -2.64
N PHE A 78 -4.50 -16.57 -2.82
CA PHE A 78 -3.76 -15.31 -2.74
C PHE A 78 -3.32 -14.97 -1.32
N ILE A 79 -3.91 -15.59 -0.31
CA ILE A 79 -3.52 -15.33 1.07
C ILE A 79 -2.09 -15.77 1.34
N ILE A 80 -1.54 -16.62 0.48
CA ILE A 80 -0.13 -17.01 0.62
C ILE A 80 0.77 -15.78 0.57
N GLY A 81 0.39 -14.78 -0.23
CA GLY A 81 1.18 -13.56 -0.31
C GLY A 81 1.22 -12.80 1.00
N GLN A 82 0.20 -12.97 1.84
CA GLN A 82 0.20 -12.32 3.15
C GLN A 82 1.32 -12.88 4.02
N TYR A 83 1.45 -14.19 4.07
CA TYR A 83 2.45 -14.82 4.94
C TYR A 83 3.84 -14.81 4.33
N LEU A 84 3.96 -14.61 3.02
CA LEU A 84 5.25 -14.32 2.43
C LEU A 84 5.74 -12.93 2.81
N ALA A 85 4.81 -11.99 3.02
CA ALA A 85 5.19 -10.66 3.48
C ALA A 85 5.75 -10.71 4.89
N ILE A 86 5.19 -11.57 5.74
CA ILE A 86 5.76 -11.77 7.07
C ILE A 86 7.12 -12.46 6.98
N ALA A 87 7.25 -13.41 6.05
CA ALA A 87 8.45 -14.23 5.98
C ALA A 87 9.70 -13.43 5.65
N ILE A 88 9.55 -12.33 4.90
CA ILE A 88 10.71 -11.54 4.50
C ILE A 88 11.10 -10.47 5.51
N LEU A 89 10.27 -10.22 6.52
CA LEU A 89 10.57 -9.15 7.47
C LEU A 89 11.87 -9.35 8.22
N PRO A 90 12.25 -10.55 8.68
CA PRO A 90 13.59 -10.70 9.29
C PRO A 90 14.71 -10.32 8.33
N LEU A 91 14.58 -10.64 7.05
CA LEU A 91 15.60 -10.25 6.08
C LEU A 91 15.66 -8.74 5.92
N VAL A 92 14.50 -8.07 5.90
CA VAL A 92 14.47 -6.61 5.86
C VAL A 92 15.19 -6.03 7.07
N PHE A 93 14.95 -6.62 8.24
CA PHE A 93 15.48 -6.06 9.49
C PHE A 93 17.00 -6.18 9.55
N TYR A 94 17.55 -7.30 9.09
CA TYR A 94 18.97 -7.57 9.29
C TYR A 94 19.86 -7.02 8.18
N PHE A 95 19.32 -6.77 6.99
CA PHE A 95 20.15 -6.37 5.86
C PHE A 95 19.86 -4.97 5.34
N TYR A 96 18.61 -4.49 5.43
CA TYR A 96 18.22 -3.21 4.85
C TYR A 96 18.14 -2.09 5.88
N ILE A 97 17.35 -2.30 6.93
CA ILE A 97 17.04 -1.29 7.94
C ILE A 97 18.29 -0.66 8.56
N PRO A 98 19.37 -1.42 8.84
CA PRO A 98 20.58 -0.76 9.35
C PRO A 98 21.10 0.35 8.45
N PHE A 99 21.02 0.19 7.13
CA PHE A 99 21.49 1.24 6.23
C PHE A 99 20.55 2.45 6.25
N PHE A 100 19.24 2.21 6.26
CA PHE A 100 18.29 3.32 6.27
C PHE A 100 18.45 4.18 7.52
N ARG A 101 18.66 3.53 8.68
CA ARG A 101 18.74 4.27 9.93
C ARG A 101 20.11 4.93 10.11
N LYS A 102 21.19 4.21 9.78
CA LYS A 102 22.53 4.79 9.96
C LYS A 102 22.78 5.93 8.99
N LEU A 103 22.21 5.88 7.78
CA LEU A 103 22.26 7.02 6.89
C LEU A 103 21.31 8.13 7.29
N LYS A 104 20.41 7.86 8.25
CA LYS A 104 19.43 8.84 8.73
C LYS A 104 18.66 9.46 7.57
N ILE A 105 18.10 8.59 6.73
CA ILE A 105 17.48 9.03 5.48
C ILE A 105 16.18 9.76 5.78
N THR A 106 15.84 10.70 4.89
CA THR A 106 14.46 11.14 4.72
C THR A 106 13.78 10.34 3.62
N SER A 107 14.46 10.17 2.49
CA SER A 107 14.01 9.34 1.39
C SER A 107 14.84 8.07 1.35
N ALA A 108 14.18 6.92 1.16
CA ALA A 108 14.89 5.65 1.10
C ALA A 108 15.89 5.62 -0.05
N TYR A 109 15.64 6.40 -1.10
CA TYR A 109 16.48 6.37 -2.28
C TYR A 109 17.77 7.17 -2.12
N GLU A 110 17.94 7.88 -1.00
CA GLU A 110 19.26 8.41 -0.65
C GLU A 110 20.27 7.29 -0.49
N TYR A 111 19.82 6.09 -0.12
CA TYR A 111 20.73 4.94 -0.08
C TYR A 111 21.33 4.67 -1.45
N LEU A 112 20.55 4.87 -2.51
CA LEU A 112 21.02 4.51 -3.85
C LEU A 112 22.14 5.40 -4.32
N GLU A 113 22.14 6.69 -3.93
CA GLU A 113 23.28 7.53 -4.28
C GLU A 113 24.48 7.24 -3.39
N ALA A 114 24.24 6.95 -2.11
CA ALA A 114 25.34 6.59 -1.22
C ALA A 114 26.00 5.29 -1.65
N ARG A 115 25.23 4.40 -2.27
CA ARG A 115 25.75 3.12 -2.74
C ARG A 115 26.20 3.17 -4.20
N PHE A 116 25.45 3.89 -5.05
CA PHE A 116 25.78 3.99 -6.47
C PHE A 116 26.01 5.46 -6.78
N ASP A 117 25.07 6.13 -7.44
CA ASP A 117 25.17 7.58 -7.63
C ASP A 117 23.77 8.15 -7.79
N VAL A 118 23.69 9.43 -8.12
CA VAL A 118 22.41 10.14 -8.16
C VAL A 118 21.51 9.63 -9.28
N ARG A 119 22.06 8.93 -10.28
CA ARG A 119 21.23 8.42 -11.37
C ARG A 119 20.24 7.37 -10.88
N SER A 120 20.73 6.38 -10.14
CA SER A 120 19.84 5.36 -9.59
C SER A 120 18.88 5.95 -8.58
N ARG A 121 19.36 6.91 -7.78
CA ARG A 121 18.50 7.56 -6.80
C ARG A 121 17.35 8.30 -7.48
N LEU A 122 17.66 9.05 -8.53
CA LEU A 122 16.62 9.81 -9.24
C LEU A 122 15.64 8.88 -9.95
N PHE A 123 16.14 7.80 -10.55
CA PHE A 123 15.26 6.86 -11.23
C PHE A 123 14.23 6.27 -10.28
N ALA A 124 14.69 5.75 -9.14
CA ALA A 124 13.78 5.12 -8.19
C ALA A 124 12.85 6.16 -7.55
N SER A 125 13.37 7.35 -7.28
CA SER A 125 12.55 8.38 -6.63
C SER A 125 11.44 8.87 -7.56
N LEU A 126 11.77 9.11 -8.82
CA LEU A 126 10.74 9.55 -9.77
C LEU A 126 9.72 8.44 -10.03
N SER A 127 10.18 7.20 -10.15
CA SER A 127 9.28 6.08 -10.35
CA SER A 127 9.26 6.08 -10.35
C SER A 127 8.30 5.94 -9.18
N PHE A 128 8.82 6.04 -7.96
CA PHE A 128 7.96 5.94 -6.78
C PHE A 128 6.92 7.06 -6.77
N MET A 129 7.37 8.31 -6.93
CA MET A 129 6.47 9.45 -6.86
C MET A 129 5.40 9.36 -7.94
N LEU A 130 5.80 9.02 -9.17
CA LEU A 130 4.83 8.91 -10.26
C LEU A 130 3.86 7.75 -10.02
N PHE A 131 4.36 6.62 -9.51
CA PHE A 131 3.49 5.49 -9.25
C PHE A 131 2.47 5.80 -8.18
N HIS A 132 2.90 6.44 -7.09
CA HIS A 132 2.00 6.67 -5.97
C HIS A 132 1.04 7.84 -6.22
N ILE A 133 1.31 8.67 -7.22
CA ILE A 133 0.26 9.56 -7.72
C ILE A 133 -0.91 8.73 -8.24
N GLY A 134 -0.59 7.71 -9.04
CA GLY A 134 -1.64 6.83 -9.54
C GLY A 134 -2.29 6.00 -8.45
N ARG A 135 -1.48 5.53 -7.48
CA ARG A 135 -2.03 4.72 -6.40
C ARG A 135 -3.08 5.50 -5.61
N VAL A 136 -2.82 6.79 -5.36
CA VAL A 136 -3.82 7.62 -4.68
C VAL A 136 -5.09 7.71 -5.52
N ALA A 137 -4.93 7.97 -6.82
CA ALA A 137 -6.09 8.10 -7.70
C ALA A 137 -6.85 6.79 -7.80
N ILE A 138 -6.14 5.66 -7.88
CA ILE A 138 -6.81 4.37 -8.02
C ILE A 138 -7.50 4.00 -6.70
N ILE A 139 -6.87 4.31 -5.57
CA ILE A 139 -7.51 4.03 -4.28
C ILE A 139 -8.79 4.85 -4.12
N THR A 140 -8.73 6.14 -4.49
CA THR A 140 -9.91 6.99 -4.39
C THR A 140 -11.02 6.50 -5.32
N TYR A 141 -10.66 6.13 -6.55
CA TYR A 141 -11.66 5.72 -7.53
C TYR A 141 -12.30 4.39 -7.14
N LEU A 142 -11.52 3.46 -6.58
CA LEU A 142 -12.09 2.19 -6.15
C LEU A 142 -13.05 2.37 -4.99
N THR A 143 -12.74 3.29 -4.07
CA THR A 143 -13.65 3.57 -2.98
C THR A 143 -14.94 4.21 -3.47
N VAL A 144 -14.84 5.06 -4.50
CA VAL A 144 -16.03 5.68 -5.07
C VAL A 144 -16.91 4.63 -5.74
N LEU A 145 -16.31 3.79 -6.57
CA LEU A 145 -17.07 2.73 -7.25
C LEU A 145 -17.79 1.84 -6.26
N ALA A 146 -17.15 1.54 -5.13
CA ALA A 146 -17.74 0.64 -4.16
C ALA A 146 -18.84 1.31 -3.35
N LEU A 147 -18.76 2.62 -3.14
CA LEU A 147 -19.71 3.31 -2.26
C LEU A 147 -20.73 4.17 -3.00
N ARG A 148 -20.43 4.60 -4.23
CA ARG A 148 -21.37 5.46 -4.95
C ARG A 148 -22.74 4.85 -5.17
N PRO A 149 -22.90 3.57 -5.53
CA PRO A 149 -24.26 3.03 -5.75
C PRO A 149 -25.10 2.95 -4.49
N PHE A 150 -24.57 3.32 -3.32
CA PHE A 150 -25.27 3.10 -2.06
C PHE A 150 -25.27 4.29 -1.12
N MET A 151 -24.50 5.35 -1.40
CA MET A 151 -24.51 6.56 -0.59
C MET A 151 -25.34 7.67 -1.20
N GLY A 152 -25.75 7.53 -2.45
CA GLY A 152 -26.71 8.45 -3.06
C GLY A 152 -26.21 9.88 -3.22
N ILE A 153 -24.90 10.06 -3.37
CA ILE A 153 -24.34 11.39 -3.56
C ILE A 153 -23.50 11.43 -4.82
N ASP A 154 -23.26 12.65 -5.29
CA ASP A 154 -22.47 12.86 -6.49
C ASP A 154 -21.07 12.28 -6.33
N PRO A 155 -20.50 11.67 -7.37
CA PRO A 155 -19.18 11.04 -7.22
C PRO A 155 -18.05 12.03 -6.93
N VAL A 156 -18.15 13.27 -7.42
CA VAL A 156 -17.12 14.26 -7.12
C VAL A 156 -17.21 14.66 -5.65
N VAL A 157 -18.43 14.78 -5.13
CA VAL A 157 -18.62 15.05 -3.70
C VAL A 157 -17.95 13.96 -2.87
N LEU A 158 -18.11 12.71 -3.29
CA LEU A 158 -17.48 11.60 -2.58
C LEU A 158 -15.96 11.68 -2.67
N ILE A 159 -15.43 12.13 -3.82
CA ILE A 159 -13.99 12.27 -3.96
C ILE A 159 -13.45 13.35 -3.03
N VAL A 160 -14.24 14.41 -2.81
CA VAL A 160 -13.84 15.45 -1.87
C VAL A 160 -13.78 14.89 -0.46
N LEU A 161 -14.80 14.11 -0.07
CA LEU A 161 -14.82 13.53 1.27
C LEU A 161 -13.68 12.54 1.46
N ILE A 162 -13.38 11.74 0.45
CA ILE A 162 -12.34 10.73 0.56
C ILE A 162 -10.95 11.36 0.47
N SER A 163 -10.71 12.08 -0.62
CA SER A 163 -9.36 12.54 -0.95
C SER A 163 -9.05 13.91 -0.34
N LEU A 164 -9.92 14.90 -0.54
CA LEU A 164 -9.59 16.26 -0.14
C LEU A 164 -9.48 16.40 1.37
N LEU A 165 -10.39 15.78 2.12
CA LEU A 165 -10.30 15.81 3.58
C LEU A 165 -9.02 15.12 4.06
N CYS A 166 -8.62 14.05 3.37
CA CYS A 166 -7.38 13.38 3.72
C CYS A 166 -6.17 14.26 3.44
N ILE A 167 -6.17 14.95 2.29
CA ILE A 167 -5.09 15.90 1.98
C ILE A 167 -4.97 16.93 3.09
N ILE A 168 -6.09 17.38 3.64
CA ILE A 168 -6.08 18.49 4.59
C ILE A 168 -5.39 18.07 5.89
N TYR A 169 -5.78 16.92 6.46
CA TYR A 169 -5.15 16.53 7.72
C TYR A 169 -3.73 16.00 7.52
N THR A 170 -3.43 15.46 6.33
CA THR A 170 -2.06 15.08 6.02
C THR A 170 -1.16 16.30 5.93
N TRP A 171 -1.55 17.28 5.13
CA TRP A 171 -0.83 18.55 5.06
C TRP A 171 -0.73 19.20 6.44
N MET A 172 -1.74 18.97 7.29
CA MET A 172 -1.77 19.60 8.60
C MET A 172 -0.79 18.92 9.56
N GLY A 173 -0.84 17.59 9.65
CA GLY A 173 -0.25 16.90 10.77
C GLY A 173 1.15 16.34 10.58
N GLY A 174 1.66 16.32 9.36
CA GLY A 174 2.96 15.71 9.14
C GLY A 174 2.88 14.20 9.27
N ILE A 175 4.07 13.59 9.32
CA ILE A 175 4.14 12.13 9.38
C ILE A 175 3.55 11.60 10.68
N GLU A 176 3.67 12.36 11.77
CA GLU A 176 3.11 11.92 13.04
C GLU A 176 1.58 11.92 13.00
N GLY A 177 0.99 12.98 12.47
CA GLY A 177 -0.45 12.97 12.28
C GLY A 177 -0.90 11.89 11.33
N VAL A 178 -0.10 11.64 10.28
CA VAL A 178 -0.40 10.54 9.36
C VAL A 178 -0.34 9.21 10.09
N ILE A 179 0.66 9.02 10.93
CA ILE A 179 0.84 7.74 11.61
C ILE A 179 -0.27 7.51 12.64
N TRP A 180 -0.61 8.55 13.40
CA TRP A 180 -1.59 8.36 14.47
C TRP A 180 -3.01 8.27 13.94
N THR A 181 -3.31 8.91 12.81
CA THR A 181 -4.57 8.60 12.14
C THR A 181 -4.55 7.19 11.56
N ASP A 182 -3.39 6.76 11.06
CA ASP A 182 -3.24 5.38 10.59
C ASP A 182 -3.54 4.38 11.69
N VAL A 183 -3.08 4.67 12.91
CA VAL A 183 -3.35 3.78 14.04
C VAL A 183 -4.87 3.66 14.26
N ILE A 184 -5.55 4.80 14.35
CA ILE A 184 -7.00 4.79 14.49
C ILE A 184 -7.65 4.08 13.31
N GLN A 185 -7.21 4.41 12.10
CA GLN A 185 -7.82 3.82 10.91
C GLN A 185 -7.49 2.35 10.76
N GLY A 186 -6.29 1.93 11.17
CA GLY A 186 -5.94 0.52 11.09
C GLY A 186 -6.76 -0.34 12.04
N LEU A 187 -6.96 0.15 13.28
CA LEU A 187 -7.83 -0.56 14.21
C LEU A 187 -9.27 -0.57 13.72
N LEU A 188 -9.70 0.52 13.09
CA LEU A 188 -11.09 0.63 12.63
C LEU A 188 -11.37 -0.35 11.49
N LEU A 189 -10.49 -0.38 10.49
CA LEU A 189 -10.70 -1.29 9.36
C LEU A 189 -10.56 -2.74 9.81
N SER A 190 -9.66 -3.03 10.75
CA SER A 190 -9.54 -4.39 11.26
C SER A 190 -10.79 -4.79 12.03
N GLY A 191 -11.25 -3.93 12.94
CA GLY A 191 -12.50 -4.20 13.63
C GLY A 191 -13.68 -4.27 12.68
N GLY A 192 -13.69 -3.44 11.65
CA GLY A 192 -14.73 -3.52 10.63
C GLY A 192 -14.72 -4.85 9.92
N ALA A 193 -13.54 -5.37 9.60
CA ALA A 193 -13.43 -6.66 8.92
C ALA A 193 -13.99 -7.79 9.79
N VAL A 194 -13.61 -7.82 11.06
CA VAL A 194 -14.13 -8.83 11.98
C VAL A 194 -15.64 -8.67 12.13
N LEU A 195 -16.11 -7.43 12.28
CA LEU A 195 -17.54 -7.21 12.48
C LEU A 195 -18.35 -7.62 11.26
N ILE A 196 -17.86 -7.29 10.06
CA ILE A 196 -18.57 -7.67 8.83
C ILE A 196 -18.71 -9.18 8.76
N PHE A 197 -17.62 -9.90 8.99
CA PHE A 197 -17.65 -11.36 8.89
C PHE A 197 -18.59 -11.97 9.91
N ILE A 198 -18.60 -11.43 11.14
CA ILE A 198 -19.48 -11.96 12.17
C ILE A 198 -20.93 -11.83 11.74
N MET A 199 -21.30 -10.68 11.15
CA MET A 199 -22.69 -10.46 10.81
C MET A 199 -23.14 -11.26 9.59
N ILE A 200 -22.20 -11.65 8.73
CA ILE A 200 -22.57 -12.57 7.66
C ILE A 200 -22.83 -13.96 8.23
N CYS A 201 -22.05 -14.37 9.24
CA CYS A 201 -22.26 -15.67 9.85
C CYS A 201 -23.65 -15.79 10.47
N PHE A 202 -24.17 -14.69 11.02
CA PHE A 202 -25.51 -14.72 11.60
C PHE A 202 -26.58 -14.84 10.54
N LYS A 203 -26.38 -14.23 9.37
CA LYS A 203 -27.37 -14.23 8.29
C LYS A 203 -27.31 -15.48 7.41
N VAL A 204 -26.29 -16.31 7.56
CA VAL A 204 -26.17 -17.58 6.85
C VAL A 204 -26.71 -18.68 7.75
N ASP A 205 -27.68 -19.44 7.23
CA ASP A 205 -28.22 -20.56 8.00
C ASP A 205 -27.24 -21.71 8.03
N GLY A 206 -26.87 -22.13 9.24
CA GLY A 206 -25.73 -22.99 9.44
C GLY A 206 -24.52 -22.27 9.99
N GLY A 207 -24.51 -20.95 9.96
CA GLY A 207 -23.45 -20.13 10.52
C GLY A 207 -22.12 -20.38 9.85
N ILE A 208 -21.05 -20.12 10.60
CA ILE A 208 -19.70 -20.31 10.10
C ILE A 208 -19.46 -21.77 9.74
N SER A 209 -20.16 -22.69 10.39
CA SER A 209 -20.03 -24.11 10.06
C SER A 209 -20.45 -24.39 8.63
N GLU A 210 -21.63 -23.88 8.23
CA GLU A 210 -22.09 -24.07 6.87
C GLU A 210 -21.24 -23.31 5.86
N ILE A 211 -20.69 -22.16 6.25
CA ILE A 211 -19.82 -21.40 5.35
C ILE A 211 -18.56 -22.20 5.05
N PHE A 212 -17.92 -22.75 6.09
CA PHE A 212 -16.72 -23.56 5.87
C PHE A 212 -17.03 -24.79 5.04
N THR A 213 -18.14 -25.48 5.35
CA THR A 213 -18.48 -26.72 4.65
C THR A 213 -18.78 -26.43 3.18
N THR A 214 -19.64 -25.46 2.92
CA THR A 214 -20.01 -25.14 1.53
C THR A 214 -18.80 -24.68 0.74
N THR A 215 -17.94 -23.86 1.34
CA THR A 215 -16.76 -23.38 0.64
C THR A 215 -15.81 -24.53 0.30
N ALA A 216 -15.61 -25.46 1.25
CA ALA A 216 -14.70 -26.57 1.01
C ALA A 216 -15.24 -27.51 -0.06
N GLN A 217 -16.54 -27.80 -0.04
CA GLN A 217 -17.13 -28.68 -1.04
C GLN A 217 -17.16 -28.06 -2.42
N ALA A 218 -17.15 -26.74 -2.52
CA ALA A 218 -16.98 -26.06 -3.80
C ALA A 218 -15.52 -25.91 -4.18
N ASP A 219 -14.60 -26.39 -3.35
CA ASP A 219 -13.16 -26.32 -3.60
C ASP A 219 -12.68 -24.86 -3.74
N LYS A 220 -13.22 -23.99 -2.88
CA LYS A 220 -12.93 -22.56 -2.94
C LYS A 220 -12.00 -22.11 -1.82
N PHE A 221 -11.18 -23.01 -1.30
CA PHE A 221 -10.13 -22.65 -0.36
C PHE A 221 -8.78 -22.68 -1.05
N PHE A 222 -8.20 -23.87 -1.18
CA PHE A 222 -6.90 -24.08 -1.83
C PHE A 222 -7.04 -25.26 -2.78
N PRO A 223 -7.58 -25.05 -3.96
CA PRO A 223 -7.74 -26.16 -4.92
C PRO A 223 -6.40 -26.71 -5.34
N THR A 224 -6.22 -28.02 -5.15
CA THR A 224 -4.94 -28.66 -5.47
C THR A 224 -4.63 -28.62 -6.96
N THR A 225 -5.63 -28.33 -7.80
CA THR A 225 -5.37 -28.15 -9.23
C THR A 225 -4.53 -26.92 -9.50
N GLN A 226 -4.45 -25.99 -8.55
CA GLN A 226 -3.63 -24.79 -8.71
C GLN A 226 -2.18 -25.00 -8.31
N TRP A 227 -1.82 -26.18 -7.79
CA TRP A 227 -0.42 -26.51 -7.54
C TRP A 227 0.15 -27.09 -8.82
N ARG A 228 0.73 -26.22 -9.63
CA ARG A 228 1.28 -26.56 -10.94
C ARG A 228 2.01 -25.35 -11.46
N TRP A 229 3.09 -25.58 -12.20
CA TRP A 229 3.78 -24.47 -12.82
C TRP A 229 2.98 -23.97 -14.03
N SER A 230 3.10 -22.66 -14.27
CA SER A 230 2.46 -22.05 -15.43
C SER A 230 3.19 -20.75 -15.73
N TRP A 231 3.23 -20.40 -17.01
CA TRP A 231 3.77 -19.11 -17.42
C TRP A 231 2.68 -18.07 -17.63
N THR A 232 1.42 -18.49 -17.71
CA THR A 232 0.31 -17.58 -17.98
C THR A 232 -0.71 -17.50 -16.85
N ASP A 233 -0.82 -18.52 -16.00
CA ASP A 233 -1.87 -18.59 -15.00
C ASP A 233 -1.34 -18.24 -13.62
N SER A 234 -2.23 -17.64 -12.81
CA SER A 234 -1.91 -17.28 -11.43
C SER A 234 -2.06 -18.50 -10.51
N THR A 235 -1.22 -19.50 -10.78
CA THR A 235 -1.20 -20.69 -9.94
C THR A 235 -0.49 -20.40 -8.62
N ILE A 236 -0.54 -21.39 -7.72
CA ILE A 236 0.11 -21.23 -6.42
C ILE A 236 1.60 -20.93 -6.54
N PRO A 237 2.38 -21.68 -7.33
CA PRO A 237 3.81 -21.33 -7.45
C PRO A 237 4.04 -19.97 -8.11
N VAL A 238 3.18 -19.57 -9.04
CA VAL A 238 3.37 -18.29 -9.72
C VAL A 238 3.12 -17.13 -8.78
N LEU A 239 2.00 -17.16 -8.05
CA LEU A 239 1.69 -16.08 -7.11
C LEU A 239 2.69 -16.04 -5.97
N MET A 240 3.27 -17.19 -5.61
CA MET A 240 4.29 -17.22 -4.56
C MET A 240 5.55 -16.47 -4.99
N ILE A 241 6.00 -16.72 -6.22
CA ILE A 241 7.13 -15.97 -6.75
C ILE A 241 6.77 -14.50 -6.93
N GLY A 242 5.54 -14.23 -7.40
CA GLY A 242 5.15 -12.86 -7.64
C GLY A 242 4.97 -12.06 -6.35
N PHE A 243 4.30 -12.66 -5.37
CA PHE A 243 4.09 -11.96 -4.11
C PHE A 243 5.37 -11.83 -3.30
N LEU A 244 6.31 -12.77 -3.46
CA LEU A 244 7.60 -12.64 -2.81
C LEU A 244 8.29 -11.36 -3.24
N PHE A 245 8.39 -11.12 -4.54
CA PHE A 245 9.06 -9.93 -5.05
C PHE A 245 8.19 -8.69 -4.93
N ALA A 246 6.87 -8.85 -4.92
CA ALA A 246 6.00 -7.71 -4.65
C ALA A 246 6.12 -7.26 -3.20
N ASN A 247 6.38 -8.19 -2.28
CA ASN A 247 6.54 -7.83 -0.88
C ASN A 247 7.93 -7.25 -0.61
N ILE A 248 8.95 -7.78 -1.28
CA ILE A 248 10.29 -7.21 -1.15
C ILE A 248 10.30 -5.77 -1.64
N GLN A 249 9.58 -5.50 -2.74
CA GLN A 249 9.41 -4.13 -3.20
C GLN A 249 8.73 -3.28 -2.13
N GLN A 250 7.66 -3.82 -1.54
CA GLN A 250 6.86 -3.04 -0.59
C GLN A 250 7.64 -2.67 0.66
N PHE A 251 8.55 -3.53 1.10
CA PHE A 251 9.19 -3.36 2.40
C PHE A 251 10.67 -3.02 2.33
N THR A 252 11.25 -2.90 1.13
CA THR A 252 12.66 -2.55 1.01
C THR A 252 12.88 -1.38 0.08
N ALA A 253 12.03 -1.23 -0.93
CA ALA A 253 12.24 -0.25 -1.99
C ALA A 253 11.10 0.75 -2.12
N SER A 254 10.19 0.81 -1.16
CA SER A 254 9.00 1.64 -1.26
C SER A 254 8.98 2.63 -0.10
N GLN A 255 8.98 3.92 -0.43
CA GLN A 255 9.17 4.95 0.59
C GLN A 255 8.05 4.97 1.62
N ASP A 256 6.82 4.66 1.22
CA ASP A 256 5.71 4.77 2.16
C ASP A 256 5.81 3.79 3.31
N VAL A 257 6.59 2.71 3.16
CA VAL A 257 6.85 1.79 4.24
C VAL A 257 8.22 2.02 4.86
N VAL A 258 9.24 2.26 4.04
CA VAL A 258 10.60 2.44 4.55
C VAL A 258 10.66 3.66 5.47
N GLN A 259 9.88 4.70 5.17
CA GLN A 259 9.85 5.89 6.01
C GLN A 259 9.45 5.55 7.44
N ARG A 260 8.65 4.49 7.62
CA ARG A 260 8.28 4.07 8.97
C ARG A 260 9.45 3.45 9.72
N TYR A 261 10.49 3.01 9.02
CA TYR A 261 11.63 2.40 9.68
C TYR A 261 12.49 3.40 10.43
N ILE A 262 12.34 4.70 10.14
CA ILE A 262 13.22 5.72 10.68
C ILE A 262 12.50 6.71 11.59
N VAL A 263 11.18 6.55 11.80
CA VAL A 263 10.47 7.40 12.73
C VAL A 263 10.61 6.94 14.17
N THR A 264 11.16 5.76 14.40
CA THR A 264 11.38 5.25 15.74
C THR A 264 12.75 5.67 16.25
N ASP A 265 12.84 5.80 17.58
CA ASP A 265 14.05 6.32 18.22
CA ASP A 265 14.06 6.33 18.19
C ASP A 265 15.15 5.28 18.38
N SER A 266 14.88 4.00 18.12
CA SER A 266 15.90 2.99 18.34
C SER A 266 15.64 1.78 17.46
N ILE A 267 16.69 0.96 17.30
CA ILE A 267 16.58 -0.30 16.58
C ILE A 267 15.55 -1.21 17.24
N LYS A 268 15.56 -1.26 18.58
CA LYS A 268 14.63 -2.10 19.31
C LYS A 268 13.18 -1.72 19.01
N GLU A 269 12.90 -0.42 18.92
CA GLU A 269 11.56 0.02 18.55
C GLU A 269 11.27 -0.26 17.08
N THR A 270 12.28 -0.24 16.23
CA THR A 270 12.09 -0.60 14.82
C THR A 270 11.71 -2.07 14.68
N LYS A 271 12.39 -2.95 15.41
CA LYS A 271 12.04 -4.36 15.40
C LYS A 271 10.59 -4.56 15.82
N ARG A 272 10.12 -3.75 16.77
CA ARG A 272 8.74 -3.86 17.22
C ARG A 272 7.76 -3.34 16.17
N THR A 273 8.20 -2.39 15.33
CA THR A 273 7.39 -1.97 14.19
C THR A 273 7.08 -3.15 13.28
N LEU A 274 8.11 -3.96 12.97
CA LEU A 274 7.91 -5.11 12.09
C LEU A 274 7.07 -6.18 12.76
N ILE A 275 7.27 -6.40 14.06
CA ILE A 275 6.51 -7.42 14.77
C ILE A 275 5.04 -7.05 14.84
N THR A 276 4.76 -5.78 15.16
CA THR A 276 3.37 -5.31 15.21
C THR A 276 2.69 -5.49 13.87
N ASN A 277 3.37 -5.12 12.78
CA ASN A 277 2.81 -5.29 11.45
C ASN A 277 2.61 -6.76 11.12
N ALA A 278 3.58 -7.61 11.49
CA ALA A 278 3.47 -9.04 11.18
C ALA A 278 2.28 -9.67 11.88
N LYS A 279 1.99 -9.24 13.11
CA LYS A 279 0.84 -9.79 13.84
C LYS A 279 -0.46 -9.44 13.14
N LEU A 280 -0.58 -8.21 12.62
CA LEU A 280 -1.80 -7.81 11.93
C LEU A 280 -1.94 -8.53 10.60
N VAL A 281 -0.85 -8.69 9.86
CA VAL A 281 -0.89 -9.37 8.57
C VAL A 281 -1.26 -10.84 8.74
N ALA A 282 -0.88 -11.44 9.87
CA ALA A 282 -1.14 -12.85 10.08
C ALA A 282 -2.61 -13.14 10.39
N ILE A 283 -3.39 -12.13 10.77
CA ILE A 283 -4.73 -12.34 11.33
C ILE A 283 -5.79 -11.63 10.50
N ILE A 284 -5.64 -10.33 10.28
CA ILE A 284 -6.70 -9.50 9.69
C ILE A 284 -7.00 -9.89 8.25
N PRO A 285 -6.01 -10.13 7.38
CA PRO A 285 -6.35 -10.54 6.00
C PRO A 285 -7.16 -11.82 5.93
N ILE A 286 -7.01 -12.73 6.90
CA ILE A 286 -7.83 -13.95 6.92
C ILE A 286 -9.30 -13.59 6.87
N PHE A 287 -9.69 -12.53 7.60
CA PHE A 287 -11.10 -12.16 7.67
C PHE A 287 -11.63 -11.65 6.33
N PHE A 288 -10.79 -10.97 5.56
CA PHE A 288 -11.24 -10.47 4.27
C PHE A 288 -11.51 -11.62 3.29
N PHE A 289 -10.65 -12.64 3.31
CA PHE A 289 -10.93 -13.84 2.53
C PHE A 289 -12.17 -14.56 3.05
N ALA A 290 -12.31 -14.64 4.38
CA ALA A 290 -13.47 -15.29 4.96
C ALA A 290 -14.75 -14.53 4.64
N ILE A 291 -14.68 -13.20 4.57
CA ILE A 291 -15.84 -12.40 4.16
C ILE A 291 -16.27 -12.79 2.77
N GLY A 292 -15.32 -12.97 1.85
CA GLY A 292 -15.67 -13.37 0.50
C GLY A 292 -16.33 -14.74 0.44
N SER A 293 -15.73 -15.71 1.12
CA SER A 293 -16.34 -17.04 1.17
C SER A 293 -17.70 -17.01 1.84
N ALA A 294 -17.85 -16.18 2.87
CA ALA A 294 -19.13 -16.07 3.57
C ALA A 294 -20.19 -15.45 2.65
N LEU A 295 -19.82 -14.41 1.91
CA LEU A 295 -20.76 -13.81 0.96
C LEU A 295 -21.13 -14.80 -0.14
N PHE A 296 -20.20 -15.67 -0.54
CA PHE A 296 -20.52 -16.71 -1.52
C PHE A 296 -21.62 -17.61 -1.01
N VAL A 297 -21.44 -18.18 0.18
CA VAL A 297 -22.46 -19.07 0.75
C VAL A 297 -23.77 -18.33 0.97
N TYR A 298 -23.69 -17.06 1.38
CA TYR A 298 -24.89 -16.30 1.68
C TYR A 298 -25.77 -16.14 0.45
N TYR A 299 -25.19 -15.75 -0.67
CA TYR A 299 -25.96 -15.54 -1.89
C TYR A 299 -26.18 -16.84 -2.66
N GLN A 300 -25.57 -17.95 -2.24
CA GLN A 300 -26.02 -19.25 -2.70
C GLN A 300 -27.27 -19.69 -1.97
N GLN A 301 -27.44 -19.26 -0.72
CA GLN A 301 -28.66 -19.51 0.03
C GLN A 301 -29.77 -18.52 -0.30
N ASN A 302 -29.42 -17.32 -0.76
CA ASN A 302 -30.39 -16.28 -1.11
C ASN A 302 -30.07 -15.74 -2.50
N PRO A 303 -30.27 -16.54 -3.54
CA PRO A 303 -29.93 -16.08 -4.90
C PRO A 303 -30.85 -14.97 -5.40
N SER A 304 -32.01 -14.76 -4.78
CA SER A 304 -32.90 -13.70 -5.23
C SER A 304 -32.38 -12.33 -4.82
N LEU A 305 -31.62 -12.25 -3.73
CA LEU A 305 -31.04 -10.99 -3.28
C LEU A 305 -29.88 -10.52 -4.15
N LEU A 306 -29.53 -11.25 -5.20
CA LEU A 306 -28.44 -10.87 -6.08
C LEU A 306 -28.99 -10.43 -7.43
N PRO A 307 -28.85 -9.16 -7.80
CA PRO A 307 -29.32 -8.73 -9.12
C PRO A 307 -28.65 -9.51 -10.24
N ALA A 308 -29.40 -9.71 -11.33
CA ALA A 308 -28.90 -10.50 -12.45
C ALA A 308 -27.73 -9.79 -13.11
N GLY A 309 -26.64 -10.52 -13.30
CA GLY A 309 -25.45 -9.94 -13.90
C GLY A 309 -24.78 -8.89 -13.04
N PHE A 310 -24.90 -9.01 -11.71
CA PHE A 310 -24.30 -8.03 -10.81
C PHE A 310 -22.79 -8.19 -10.78
N ASN A 311 -22.08 -7.06 -10.82
CA ASN A 311 -20.63 -7.08 -10.78
C ASN A 311 -20.16 -7.52 -9.40
N THR A 312 -19.39 -8.61 -9.36
CA THR A 312 -18.97 -9.18 -8.09
C THR A 312 -18.04 -8.26 -7.31
N GLY A 313 -17.41 -7.28 -7.98
CA GLY A 313 -16.56 -6.34 -7.28
C GLY A 313 -17.29 -5.55 -6.21
N GLY A 314 -18.60 -5.41 -6.33
CA GLY A 314 -19.40 -4.70 -5.34
C GLY A 314 -20.32 -5.59 -4.54
N ILE A 315 -19.93 -6.85 -4.33
CA ILE A 315 -20.79 -7.75 -3.57
C ILE A 315 -20.67 -7.50 -2.07
N LEU A 316 -19.48 -7.06 -1.62
CA LEU A 316 -19.37 -6.66 -0.21
C LEU A 316 -20.08 -5.35 0.05
N PRO A 317 -19.94 -4.30 -0.77
CA PRO A 317 -20.74 -3.09 -0.54
C PRO A 317 -22.24 -3.34 -0.57
N LEU A 318 -22.70 -4.21 -1.47
CA LEU A 318 -24.14 -4.51 -1.54
C LEU A 318 -24.64 -5.10 -0.22
N PHE A 319 -23.89 -6.03 0.36
CA PHE A 319 -24.31 -6.64 1.61
C PHE A 319 -24.31 -5.63 2.76
N ILE A 320 -23.30 -4.76 2.79
CA ILE A 320 -23.10 -3.88 3.94
C ILE A 320 -24.29 -2.96 4.15
N VAL A 321 -24.77 -2.35 3.06
CA VAL A 321 -25.80 -1.32 3.20
C VAL A 321 -27.19 -1.94 3.36
N THR A 322 -27.41 -3.15 2.86
CA THR A 322 -28.74 -3.75 2.85
C THR A 322 -29.00 -4.68 4.04
N GLU A 323 -27.95 -5.22 4.67
CA GLU A 323 -28.11 -6.28 5.66
C GLU A 323 -27.57 -5.90 7.03
N MET A 324 -27.32 -4.62 7.30
CA MET A 324 -26.70 -4.24 8.56
C MET A 324 -27.38 -3.02 9.15
N PRO A 325 -27.55 -2.98 10.47
CA PRO A 325 -28.43 -1.97 11.09
C PRO A 325 -27.90 -0.55 11.01
N ILE A 326 -28.69 0.36 11.57
CA ILE A 326 -28.31 1.76 11.64
C ILE A 326 -27.06 1.91 12.53
N GLY A 327 -26.24 2.90 12.19
CA GLY A 327 -24.99 3.17 12.92
C GLY A 327 -23.89 2.19 12.61
N ILE A 328 -24.19 0.90 12.63
CA ILE A 328 -23.20 -0.11 12.26
C ILE A 328 -22.82 0.04 10.80
N ALA A 329 -23.79 0.33 9.94
CA ALA A 329 -23.50 0.52 8.53
C ALA A 329 -22.54 1.68 8.31
N GLY A 330 -22.81 2.82 8.96
CA GLY A 330 -21.92 3.96 8.86
C GLY A 330 -20.57 3.72 9.49
N LEU A 331 -20.52 2.92 10.55
CA LEU A 331 -19.24 2.52 11.13
C LEU A 331 -18.43 1.72 10.13
N ILE A 332 -19.09 0.86 9.35
CA ILE A 332 -18.40 0.05 8.35
C ILE A 332 -17.98 0.90 7.17
N ILE A 333 -18.81 1.87 6.78
CA ILE A 333 -18.42 2.81 5.74
C ILE A 333 -17.23 3.64 6.21
N ALA A 334 -17.19 3.98 7.50
CA ALA A 334 -16.03 4.67 8.06
C ALA A 334 -14.78 3.80 7.97
N ALA A 335 -14.91 2.51 8.25
CA ALA A 335 -13.78 1.60 8.11
C ALA A 335 -13.29 1.53 6.67
N ILE A 336 -14.20 1.63 5.70
CA ILE A 336 -13.80 1.68 4.30
C ILE A 336 -13.04 2.97 4.01
N PHE A 337 -13.60 4.11 4.42
CA PHE A 337 -12.87 5.38 4.36
C PHE A 337 -11.52 5.24 5.04
N ALA A 338 -11.48 4.60 6.20
CA ALA A 338 -10.23 4.43 6.94
C ALA A 338 -9.21 3.65 6.13
N ALA A 339 -9.66 2.60 5.42
CA ALA A 339 -8.74 1.82 4.60
C ALA A 339 -8.19 2.65 3.44
N ALA A 340 -9.02 3.51 2.87
CA ALA A 340 -8.56 4.34 1.76
C ALA A 340 -7.67 5.47 2.25
N GLN A 341 -8.12 6.21 3.27
CA GLN A 341 -7.42 7.41 3.68
C GLN A 341 -6.10 7.12 4.37
N SER A 342 -5.99 5.97 5.05
CA SER A 342 -4.72 5.62 5.68
C SER A 342 -3.65 5.33 4.64
N SER A 343 -4.05 4.87 3.46
CA SER A 343 -3.08 4.65 2.37
C SER A 343 -2.81 5.93 1.60
N ILE A 344 -3.82 6.79 1.44
CA ILE A 344 -3.64 8.04 0.69
C ILE A 344 -2.72 8.98 1.46
N SER A 345 -2.96 9.14 2.76
CA SER A 345 -2.14 10.06 3.56
C SER A 345 -0.68 9.63 3.56
N SER A 346 -0.42 8.33 3.65
CA SER A 346 0.96 7.85 3.62
C SER A 346 1.61 8.11 2.27
N SER A 347 0.88 7.88 1.18
CA SER A 347 1.43 8.10 -0.15
C SER A 347 1.76 9.57 -0.38
N LEU A 348 0.87 10.47 0.07
CA LEU A 348 1.09 11.90 -0.13
C LEU A 348 2.32 12.38 0.62
N ASN A 349 2.41 12.05 1.91
CA ASN A 349 3.57 12.47 2.71
C ASN A 349 4.86 11.87 2.18
N SER A 350 4.80 10.64 1.68
CA SER A 350 6.01 10.00 1.16
C SER A 350 6.42 10.59 -0.18
N ILE A 351 5.45 10.93 -1.02
CA ILE A 351 5.76 11.67 -2.25
C ILE A 351 6.47 12.97 -1.92
N SER A 352 6.00 13.66 -0.86
CA SER A 352 6.60 14.93 -0.49
C SER A 352 7.99 14.75 0.10
N SER A 353 8.20 13.68 0.87
CA SER A 353 9.52 13.42 1.43
C SER A 353 10.54 13.13 0.32
N CYS A 354 10.10 12.40 -0.71
CA CYS A 354 11.00 12.10 -1.82
C CYS A 354 11.33 13.34 -2.63
N PHE A 355 10.31 14.14 -2.97
CA PHE A 355 10.55 15.37 -3.69
C PHE A 355 11.42 16.33 -2.89
N ASN A 356 11.20 16.40 -1.57
CA ASN A 356 11.95 17.33 -0.74
C ASN A 356 13.44 16.96 -0.72
N SER A 357 13.75 15.68 -0.62
CA SER A 357 15.13 15.23 -0.50
C SER A 357 15.77 14.97 -1.87
N ASP A 358 15.13 14.16 -2.71
CA ASP A 358 15.76 13.72 -3.96
C ASP A 358 15.69 14.78 -5.05
N ILE A 359 14.67 15.63 -5.04
CA ILE A 359 14.50 16.63 -6.08
C ILE A 359 14.90 18.00 -5.58
N TYR A 360 14.15 18.53 -4.61
CA TYR A 360 14.33 19.91 -4.18
C TYR A 360 15.72 20.12 -3.57
N THR A 361 16.04 19.36 -2.52
CA THR A 361 17.32 19.56 -1.83
C THR A 361 18.49 19.13 -2.70
N ARG A 362 18.38 17.95 -3.33
CA ARG A 362 19.54 17.38 -4.00
C ARG A 362 19.91 18.15 -5.27
N LEU A 363 18.92 18.57 -6.04
CA LEU A 363 19.18 19.15 -7.36
C LEU A 363 19.32 20.68 -7.33
N SER A 364 19.29 21.30 -6.16
CA SER A 364 19.51 22.74 -6.05
C SER A 364 20.97 23.01 -5.71
N LYS A 365 21.52 24.07 -6.30
CA LYS A 365 22.92 24.41 -6.06
C LYS A 365 23.15 24.75 -4.59
N SER A 366 22.53 25.83 -4.13
CA SER A 366 22.65 26.23 -2.73
C SER A 366 21.81 25.33 -1.84
N SER A 367 22.16 25.30 -0.56
CA SER A 367 21.44 24.49 0.40
C SER A 367 20.16 25.21 0.83
N PRO A 368 18.98 24.62 0.61
CA PRO A 368 17.75 25.29 1.05
C PRO A 368 17.72 25.43 2.56
N SER A 369 17.23 26.59 3.02
CA SER A 369 17.09 26.84 4.44
C SER A 369 16.03 25.91 5.03
N PRO A 370 16.05 25.72 6.36
CA PRO A 370 14.96 24.95 6.98
C PRO A 370 13.59 25.53 6.69
N GLU A 371 13.48 26.85 6.56
CA GLU A 371 12.21 27.46 6.19
C GLU A 371 11.76 27.02 4.79
N GLN A 372 12.70 26.99 3.84
CA GLN A 372 12.35 26.64 2.47
C GLN A 372 11.95 25.17 2.37
N LYS A 373 12.67 24.28 3.07
CA LYS A 373 12.32 22.86 3.03
C LYS A 373 10.91 22.62 3.55
N MET A 374 10.52 23.33 4.61
CA MET A 374 9.18 23.14 5.17
C MET A 374 8.11 23.63 4.20
N LYS A 375 8.37 24.72 3.49
CA LYS A 375 7.39 25.22 2.53
C LYS A 375 7.17 24.24 1.39
N VAL A 376 8.26 23.70 0.84
CA VAL A 376 8.13 22.72 -0.24
C VAL A 376 7.53 21.42 0.28
N ALA A 377 7.85 21.06 1.53
CA ALA A 377 7.26 19.87 2.14
C ALA A 377 5.74 19.96 2.15
N LYS A 378 5.21 21.07 2.66
CA LYS A 378 3.75 21.24 2.68
C LYS A 378 3.19 21.45 1.29
N LEU A 379 3.96 22.12 0.42
CA LEU A 379 3.46 22.46 -0.92
C LEU A 379 3.21 21.20 -1.75
N VAL A 380 4.17 20.28 -1.77
CA VAL A 380 4.07 19.10 -2.62
C VAL A 380 2.89 18.25 -2.22
N ILE A 381 2.55 18.22 -0.93
CA ILE A 381 1.39 17.47 -0.48
C ILE A 381 0.11 18.01 -1.11
N ILE A 382 0.01 19.34 -1.22
CA ILE A 382 -1.16 19.94 -1.87
C ILE A 382 -1.15 19.66 -3.36
N VAL A 383 0.01 19.82 -4.01
CA VAL A 383 0.08 19.63 -5.46
C VAL A 383 -0.14 18.16 -5.82
N ALA A 384 0.57 17.25 -5.14
CA ALA A 384 0.37 15.83 -5.40
C ALA A 384 -1.07 15.41 -5.11
N GLY A 385 -1.66 15.97 -4.05
CA GLY A 385 -3.04 15.64 -3.73
C GLY A 385 -4.01 16.18 -4.75
N ILE A 386 -3.78 17.39 -5.26
CA ILE A 386 -4.68 17.97 -6.25
C ILE A 386 -4.66 17.14 -7.53
N PHE A 387 -3.46 16.83 -8.04
CA PHE A 387 -3.35 16.11 -9.31
C PHE A 387 -3.95 14.71 -9.20
N SER A 388 -3.66 14.00 -8.10
CA SER A 388 -4.22 12.66 -7.94
C SER A 388 -5.72 12.71 -7.70
N SER A 389 -6.22 13.79 -7.10
CA SER A 389 -7.67 13.95 -6.95
C SER A 389 -8.33 14.21 -8.30
N LEU A 390 -7.74 15.09 -9.11
CA LEU A 390 -8.26 15.35 -10.45
C LEU A 390 -8.21 14.09 -11.30
N ALA A 391 -7.13 13.30 -11.17
CA ALA A 391 -7.05 12.02 -11.87
C ALA A 391 -8.18 11.10 -11.45
N ALA A 392 -8.50 11.08 -10.15
CA ALA A 392 -9.61 10.26 -9.67
C ALA A 392 -10.93 10.70 -10.27
N ILE A 393 -11.15 12.01 -10.36
CA ILE A 393 -12.33 12.53 -11.04
C ILE A 393 -12.35 12.07 -12.49
N TRP A 394 -11.21 12.20 -13.17
CA TRP A 394 -11.07 11.70 -14.53
C TRP A 394 -11.45 10.23 -14.64
N LEU A 395 -11.02 9.42 -13.67
CA LEU A 395 -11.30 7.98 -13.71
C LEU A 395 -12.78 7.69 -13.54
N VAL A 396 -13.50 8.53 -12.80
CA VAL A 396 -14.92 8.28 -12.53
C VAL A 396 -15.81 8.87 -13.61
N LEU A 397 -15.49 10.07 -14.09
CA LEU A 397 -16.33 10.75 -15.07
C LEU A 397 -16.08 10.28 -16.50
N SER A 398 -15.34 9.19 -16.70
CA SER A 398 -15.10 8.66 -18.04
C SER A 398 -14.89 7.16 -18.01
N SER A 409 0.22 1.06 -15.00
CA SER A 409 0.72 -0.07 -15.77
C SER A 409 2.16 0.15 -16.20
N LEU A 410 2.34 1.05 -17.18
CA LEU A 410 3.68 1.37 -17.67
C LEU A 410 4.58 1.84 -16.53
N ILE A 411 4.10 2.81 -15.75
CA ILE A 411 4.87 3.30 -14.61
C ILE A 411 5.02 2.20 -13.56
N GLY A 412 4.00 1.36 -13.40
CA GLY A 412 4.04 0.32 -12.39
C GLY A 412 5.12 -0.72 -12.65
N LEU A 413 5.51 -0.90 -13.91
CA LEU A 413 6.57 -1.85 -14.24
C LEU A 413 7.93 -1.44 -13.68
N MET A 414 8.07 -0.20 -13.21
CA MET A 414 9.34 0.28 -12.67
C MET A 414 9.61 -0.25 -11.26
N GLY A 415 8.61 -0.84 -10.60
CA GLY A 415 8.83 -1.33 -9.25
C GLY A 415 9.88 -2.42 -9.19
N GLY A 416 9.89 -3.32 -10.18
CA GLY A 416 10.89 -4.36 -10.28
C GLY A 416 12.30 -3.81 -10.31
N PRO A 417 12.59 -2.94 -11.29
CA PRO A 417 13.92 -2.30 -11.32
C PRO A 417 14.28 -1.57 -10.04
N MET A 418 13.31 -0.89 -9.41
CA MET A 418 13.58 -0.24 -8.13
C MET A 418 14.01 -1.25 -7.08
N THR A 419 13.30 -2.37 -7.00
CA THR A 419 13.65 -3.41 -6.03
C THR A 419 14.99 -4.04 -6.36
N GLY A 420 15.26 -4.30 -7.64
CA GLY A 420 16.52 -4.89 -8.03
C GLY A 420 17.71 -4.00 -7.69
N LEU A 421 17.52 -2.68 -7.77
CA LEU A 421 18.59 -1.75 -7.42
C LEU A 421 19.01 -1.92 -5.96
N PHE A 422 18.03 -2.03 -5.06
CA PHE A 422 18.34 -2.18 -3.65
C PHE A 422 18.99 -3.54 -3.37
N MET A 423 18.43 -4.61 -3.96
CA MET A 423 19.04 -5.92 -3.81
C MET A 423 20.46 -5.94 -4.36
N LEU A 424 20.67 -5.30 -5.51
CA LEU A 424 22.01 -5.21 -6.08
C LEU A 424 22.98 -4.52 -5.13
N GLY A 425 22.56 -3.37 -4.59
CA GLY A 425 23.46 -2.63 -3.72
C GLY A 425 23.72 -3.33 -2.40
N ILE A 426 22.70 -3.96 -1.84
CA ILE A 426 22.84 -4.58 -0.51
C ILE A 426 23.63 -5.87 -0.59
N PHE A 427 23.42 -6.67 -1.64
CA PHE A 427 23.93 -8.04 -1.68
C PHE A 427 25.05 -8.28 -2.67
N VAL A 428 25.20 -7.43 -3.69
CA VAL A 428 26.23 -7.60 -4.71
C VAL A 428 27.27 -6.50 -4.48
N LYS A 429 28.35 -6.84 -3.79
CA LYS A 429 29.34 -5.82 -3.42
C LYS A 429 30.10 -5.30 -4.64
N ARG A 430 30.36 -6.17 -5.63
CA ARG A 430 31.09 -5.75 -6.81
C ARG A 430 30.33 -4.72 -7.64
N ALA A 431 29.01 -4.64 -7.48
CA ALA A 431 28.19 -3.74 -8.29
C ALA A 431 28.54 -2.29 -8.01
N ASN A 432 28.52 -1.48 -9.07
CA ASN A 432 28.91 -0.08 -9.00
C ASN A 432 27.86 0.77 -9.69
N ALA A 433 28.11 2.09 -9.72
CA ALA A 433 27.13 3.04 -10.26
C ALA A 433 26.86 2.79 -11.73
N GLY A 434 27.90 2.44 -12.50
CA GLY A 434 27.71 2.20 -13.92
C GLY A 434 26.91 0.93 -14.18
N SER A 435 27.27 -0.16 -13.49
CA SER A 435 26.57 -1.42 -13.71
C SER A 435 25.13 -1.36 -13.22
N ALA A 436 24.85 -0.57 -12.19
CA ALA A 436 23.48 -0.39 -11.75
C ALA A 436 22.64 0.29 -12.83
N VAL A 437 23.21 1.31 -13.48
CA VAL A 437 22.49 1.99 -14.56
C VAL A 437 22.26 1.03 -15.72
N VAL A 438 23.27 0.22 -16.07
CA VAL A 438 23.07 -0.79 -17.09
C VAL A 438 21.96 -1.75 -16.70
N GLY A 439 21.95 -2.16 -15.43
CA GLY A 439 20.88 -3.03 -14.96
C GLY A 439 19.51 -2.39 -15.07
N ILE A 440 19.43 -1.08 -14.83
CA ILE A 440 18.17 -0.37 -14.97
C ILE A 440 17.67 -0.44 -16.41
N ILE A 441 18.53 -0.05 -17.37
CA ILE A 441 18.13 -0.02 -18.76
C ILE A 441 17.75 -1.41 -19.25
N VAL A 442 18.57 -2.41 -18.89
CA VAL A 442 18.29 -3.78 -19.31
C VAL A 442 16.98 -4.27 -18.72
N SER A 443 16.72 -3.96 -17.45
CA SER A 443 15.50 -4.43 -16.81
C SER A 443 14.26 -3.75 -17.40
N ILE A 444 14.37 -2.46 -17.73
CA ILE A 444 13.25 -1.78 -18.36
C ILE A 444 12.89 -2.44 -19.69
N ILE A 445 13.91 -2.79 -20.47
CA ILE A 445 13.66 -3.52 -21.73
C ILE A 445 13.03 -4.87 -21.45
N ALA A 446 13.46 -5.52 -20.37
CA ALA A 446 12.98 -6.87 -20.08
C ALA A 446 11.52 -6.87 -19.64
N VAL A 447 11.13 -5.91 -18.80
CA VAL A 447 9.75 -5.89 -18.33
C VAL A 447 8.81 -5.40 -19.42
N LEU A 448 9.28 -4.51 -20.29
CA LEU A 448 8.44 -4.08 -21.41
C LEU A 448 8.26 -5.21 -22.41
N ALA A 449 9.31 -6.01 -22.64
CA ALA A 449 9.17 -7.18 -23.50
C ALA A 449 8.22 -8.20 -22.88
N ALA A 450 8.35 -8.43 -21.57
CA ALA A 450 7.49 -9.41 -20.91
C ALA A 450 6.04 -8.93 -20.86
N ARG A 451 5.83 -7.63 -20.63
CA ARG A 451 4.47 -7.12 -20.48
C ARG A 451 3.76 -7.01 -21.83
N TYR A 452 4.43 -6.45 -22.83
CA TYR A 452 3.80 -6.12 -24.10
C TYR A 452 4.13 -7.10 -25.22
N GLY A 453 5.16 -7.92 -25.07
CA GLY A 453 5.54 -8.83 -26.13
C GLY A 453 5.47 -10.29 -25.74
N SER A 454 4.64 -10.62 -24.76
CA SER A 454 4.51 -12.01 -24.32
C SER A 454 3.19 -12.14 -23.57
N ASP A 455 2.81 -13.41 -23.32
CA ASP A 455 1.66 -13.74 -22.51
C ASP A 455 2.04 -14.14 -21.09
N LEU A 456 3.21 -13.73 -20.63
CA LEU A 456 3.64 -14.02 -19.28
C LEU A 456 2.65 -13.45 -18.27
N ASN A 457 2.38 -14.22 -17.21
CA ASN A 457 1.52 -13.76 -16.14
C ASN A 457 2.12 -12.51 -15.49
N PHE A 458 1.24 -11.61 -15.06
CA PHE A 458 1.70 -10.34 -14.48
C PHE A 458 2.54 -10.54 -13.23
N PHE A 459 2.38 -11.67 -12.53
CA PHE A 459 3.18 -11.93 -11.35
C PHE A 459 4.67 -12.04 -11.66
N PHE A 460 5.03 -12.30 -12.91
CA PHE A 460 6.44 -12.41 -13.29
C PHE A 460 7.09 -11.06 -13.54
N TYR A 461 6.32 -9.97 -13.61
CA TYR A 461 6.89 -8.68 -13.97
C TYR A 461 7.90 -8.21 -12.94
N GLY A 462 7.50 -8.17 -11.67
CA GLY A 462 8.41 -7.74 -10.62
C GLY A 462 9.63 -8.63 -10.49
N VAL A 463 9.46 -9.94 -10.75
CA VAL A 463 10.58 -10.86 -10.67
C VAL A 463 11.57 -10.61 -11.81
N ILE A 464 11.06 -10.29 -13.00
CA ILE A 464 11.93 -10.04 -14.13
C ILE A 464 12.66 -8.71 -13.97
N GLY A 465 11.95 -7.69 -13.49
CA GLY A 465 12.60 -6.39 -13.29
C GLY A 465 13.69 -6.44 -12.24
N SER A 466 13.40 -7.08 -11.10
CA SER A 466 14.37 -7.12 -10.02
C SER A 466 15.60 -7.96 -10.39
N MET A 467 15.38 -9.12 -11.01
CA MET A 467 16.49 -10.00 -11.32
C MET A 467 17.31 -9.52 -12.50
N SER A 468 16.71 -8.74 -13.41
CA SER A 468 17.48 -8.20 -14.52
C SER A 468 18.48 -7.16 -14.03
N VAL A 469 18.11 -6.36 -13.02
CA VAL A 469 19.05 -5.41 -12.44
C VAL A 469 20.16 -6.16 -11.71
N VAL A 470 19.81 -7.19 -10.95
CA VAL A 470 20.82 -7.96 -10.21
C VAL A 470 21.79 -8.63 -11.16
N ILE A 471 21.25 -9.32 -12.18
CA ILE A 471 22.11 -10.07 -13.11
C ILE A 471 22.96 -9.12 -13.95
N ALA A 472 22.31 -8.18 -14.64
CA ALA A 472 23.05 -7.26 -15.49
C ALA A 472 23.93 -6.31 -14.68
N GLY A 473 23.52 -5.97 -13.46
CA GLY A 473 24.35 -5.15 -12.60
C GLY A 473 25.54 -5.87 -12.03
N THR A 474 25.52 -7.21 -12.04
CA THR A 474 26.65 -8.00 -11.60
C THR A 474 27.60 -8.33 -12.75
N ILE A 475 27.05 -8.67 -13.91
CA ILE A 475 27.87 -9.10 -15.05
C ILE A 475 28.70 -7.94 -15.57
N THR A 476 28.08 -6.78 -15.77
CA THR A 476 28.75 -5.62 -16.34
C THR A 476 29.55 -4.83 -15.33
N ALA A 477 29.64 -5.29 -14.08
CA ALA A 477 30.40 -4.57 -13.06
C ALA A 477 31.86 -4.34 -13.42
N PRO A 478 32.60 -5.29 -14.02
CA PRO A 478 34.00 -5.00 -14.36
C PRO A 478 34.18 -3.88 -15.38
N LEU A 479 33.16 -3.60 -16.20
CA LEU A 479 33.29 -2.57 -17.24
C LEU A 479 33.49 -1.18 -16.65
N PHE A 480 33.19 -0.99 -15.37
CA PHE A 480 33.21 0.34 -14.77
C PHE A 480 34.19 0.37 -13.60
N ALA A 481 34.47 1.59 -13.14
CA ALA A 481 35.37 1.92 -12.04
C ALA A 481 35.02 1.10 -10.79
N PRO A 482 35.88 1.08 -9.76
CA PRO A 482 35.55 0.31 -8.55
C PRO A 482 34.21 0.67 -7.95
N ALA A 483 33.68 -0.22 -7.12
CA ALA A 483 32.45 0.06 -6.41
C ALA A 483 32.75 0.84 -5.14
N LYS A 484 31.85 1.75 -4.79
CA LYS A 484 31.97 2.45 -3.50
C LYS A 484 31.74 1.46 -2.37
N GLN A 485 32.50 1.61 -1.29
CA GLN A 485 32.48 0.60 -0.25
C GLN A 485 31.24 0.70 0.64
N LEU A 486 30.82 1.92 0.96
CA LEU A 486 29.70 2.17 1.88
C LEU A 486 29.82 1.34 3.17
#